data_3KG0
#
_entry.id   3KG0
#
_cell.length_a   58.262
_cell.length_b   112.383
_cell.length_c   47.127
_cell.angle_alpha   90.00
_cell.angle_beta   90.00
_cell.angle_gamma   90.00
#
_symmetry.space_group_name_H-M   'P 21 21 2'
#
loop_
_entity.id
_entity.type
_entity.pdbx_description
1 polymer SnoaB
2 non-polymer 1,2-ETHANEDIOL
3 non-polymer 'CHLORIDE ION'
4 water water
#
_entity_poly.entity_id   1
_entity_poly.type   'polypeptide(L)'
_entity_poly.pdbx_seq_one_letter_code
;MAHHHHHHHRSPTRVNDGVDADEVTFVNRFTVHGAPAEFESVFARTAAFFARQPGFVRHTLLRERDKDNSYVNIAVWTDH
DAFRRALAQPGFLPHATALRALSTSEHGLFTARQTLPEGGDTTGSGHR
;
_entity_poly.pdbx_strand_id   A,B,C
#
loop_
_chem_comp.id
_chem_comp.type
_chem_comp.name
_chem_comp.formula
CL non-polymer 'CHLORIDE ION' 'Cl -1'
EDO non-polymer 1,2-ETHANEDIOL 'C2 H6 O2'
#
# COMPACT_ATOMS: atom_id res chain seq x y z
N ALA A 21 21.29 -9.12 -7.91
CA ALA A 21 20.28 -9.24 -6.80
C ALA A 21 20.12 -10.71 -6.40
N ASP A 22 19.66 -10.99 -5.19
CA ASP A 22 19.39 -12.39 -4.88
C ASP A 22 17.91 -12.80 -5.11
N GLU A 23 17.71 -14.09 -5.37
CA GLU A 23 16.34 -14.64 -5.47
C GLU A 23 15.56 -14.36 -4.20
N VAL A 24 14.27 -14.06 -4.33
CA VAL A 24 13.44 -13.94 -3.17
C VAL A 24 12.37 -14.99 -3.21
N THR A 25 11.99 -15.44 -2.03
CA THR A 25 10.94 -16.43 -1.89
C THR A 25 9.82 -15.87 -1.05
N PHE A 26 8.62 -15.83 -1.64
CA PHE A 26 7.43 -15.35 -1.00
C PHE A 26 6.69 -16.55 -0.40
N VAL A 27 6.33 -16.44 0.87
CA VAL A 27 5.64 -17.48 1.59
C VAL A 27 4.35 -16.90 2.10
N ASN A 28 3.25 -17.52 1.68
CA ASN A 28 1.94 -17.01 2.04
C ASN A 28 1.13 -18.11 2.71
N ARG A 29 0.75 -17.90 3.98
CA ARG A 29 -0.06 -18.85 4.73
C ARG A 29 -1.50 -18.43 4.66
N PHE A 30 -2.39 -19.34 4.22
CA PHE A 30 -3.78 -19.02 4.00
C PHE A 30 -4.62 -19.87 4.95
N THR A 31 -5.59 -19.21 5.59
CA THR A 31 -6.70 -19.90 6.25
C THR A 31 -7.92 -19.68 5.39
N VAL A 32 -8.44 -20.78 4.84
CA VAL A 32 -9.48 -20.73 3.82
C VAL A 32 -10.82 -20.85 4.54
N HIS A 33 -11.72 -19.90 4.29
CA HIS A 33 -12.95 -19.86 5.02
C HIS A 33 -14.12 -20.49 4.31
N GLY A 34 -14.11 -20.47 2.98
CA GLY A 34 -15.16 -21.11 2.19
C GLY A 34 -14.74 -22.49 1.68
N ALA A 35 -15.27 -22.86 0.52
CA ALA A 35 -15.02 -24.16 -0.07
C ALA A 35 -13.58 -24.22 -0.59
N PRO A 36 -12.81 -25.25 -0.19
CA PRO A 36 -11.43 -25.37 -0.72
C PRO A 36 -11.34 -25.42 -2.23
N ALA A 37 -12.31 -26.06 -2.89
CA ALA A 37 -12.30 -26.13 -4.36
C ALA A 37 -12.37 -24.75 -4.97
N GLU A 38 -13.21 -23.88 -4.39
CA GLU A 38 -13.32 -22.51 -4.88
C GLU A 38 -12.03 -21.75 -4.66
N PHE A 39 -11.42 -21.92 -3.49
CA PHE A 39 -10.15 -21.31 -3.22
C PHE A 39 -9.07 -21.78 -4.20
N GLU A 40 -9.01 -23.08 -4.48
CA GLU A 40 -8.02 -23.59 -5.42
C GLU A 40 -8.22 -23.04 -6.83
N SER A 41 -9.48 -22.85 -7.25
CA SER A 41 -9.75 -22.22 -8.56
C SER A 41 -9.23 -20.81 -8.64
N VAL A 42 -9.56 -20.03 -7.60
CA VAL A 42 -9.13 -18.65 -7.52
C VAL A 42 -7.62 -18.60 -7.46
N PHE A 43 -7.04 -19.50 -6.69
CA PHE A 43 -5.59 -19.54 -6.59
C PHE A 43 -4.93 -19.90 -7.90
N ALA A 44 -5.47 -20.89 -8.61
CA ALA A 44 -4.95 -21.31 -9.90
C ALA A 44 -4.89 -20.15 -10.90
N ARG A 45 -5.92 -19.32 -10.90
CA ARG A 45 -5.96 -18.16 -11.78
C ARG A 45 -4.91 -17.12 -11.36
N THR A 46 -4.76 -16.95 -10.05
CA THR A 46 -3.72 -16.07 -9.51
C THR A 46 -2.32 -16.52 -9.92
N ALA A 47 -2.06 -17.81 -9.78
CA ALA A 47 -0.77 -18.38 -10.13
C ALA A 47 -0.48 -18.26 -11.60
N ALA A 48 -1.47 -18.51 -12.46
CA ALA A 48 -1.29 -18.32 -13.92
C ALA A 48 -0.89 -16.88 -14.25
N PHE A 49 -1.48 -15.95 -13.52
CA PHE A 49 -1.20 -14.53 -13.71
C PHE A 49 0.26 -14.24 -13.40
N PHE A 50 0.73 -14.73 -12.24
CA PHE A 50 2.11 -14.48 -11.82
C PHE A 50 3.10 -15.21 -12.72
N ALA A 51 2.68 -16.37 -13.22
CA ALA A 51 3.57 -17.24 -14.02
C ALA A 51 3.98 -16.63 -15.34
N ARG A 52 3.20 -15.69 -15.86
CA ARG A 52 3.59 -14.97 -17.08
C ARG A 52 4.29 -13.62 -16.84
N GLN A 53 4.65 -13.33 -15.58
CA GLN A 53 5.38 -12.10 -15.22
C GLN A 53 6.88 -12.31 -15.31
N PRO A 54 7.61 -11.34 -15.87
CA PRO A 54 9.06 -11.45 -15.90
C PRO A 54 9.62 -11.69 -14.50
N GLY A 55 10.54 -12.65 -14.39
CA GLY A 55 11.22 -12.91 -13.13
C GLY A 55 10.56 -13.96 -12.26
N PHE A 56 9.37 -14.45 -12.67
CA PHE A 56 8.77 -15.57 -12.02
C PHE A 56 9.63 -16.81 -12.25
N VAL A 57 9.95 -17.52 -11.16
CA VAL A 57 10.72 -18.76 -11.29
C VAL A 57 9.86 -20.01 -11.10
N ARG A 58 9.21 -20.14 -9.97
CA ARG A 58 8.37 -21.30 -9.69
C ARG A 58 7.42 -21.04 -8.54
N HIS A 59 6.43 -21.91 -8.40
CA HIS A 59 5.61 -21.86 -7.22
C HIS A 59 5.07 -23.23 -6.85
N THR A 60 4.73 -23.37 -5.55
CA THR A 60 4.08 -24.56 -5.03
C THR A 60 2.97 -24.18 -4.08
N LEU A 61 1.78 -24.71 -4.30
CA LEU A 61 0.72 -24.55 -3.31
C LEU A 61 0.63 -25.88 -2.53
N LEU A 62 0.68 -25.75 -1.21
CA LEU A 62 0.68 -26.86 -0.27
C LEU A 62 -0.60 -26.83 0.55
N ARG A 63 -1.18 -28.01 0.82
CA ARG A 63 -2.34 -28.13 1.67
C ARG A 63 -1.97 -28.94 2.90
N GLU A 64 -2.30 -28.44 4.07
CA GLU A 64 -1.96 -29.10 5.30
C GLU A 64 -2.74 -30.39 5.46
N ARG A 65 -2.03 -31.43 5.84
CA ARG A 65 -2.64 -32.75 5.87
C ARG A 65 -3.69 -32.94 6.93
N ASP A 66 -3.52 -32.41 8.11
CA ASP A 66 -4.53 -32.78 9.14
C ASP A 66 -5.74 -31.83 9.12
N LYS A 67 -5.71 -30.86 8.22
CA LYS A 67 -6.71 -29.83 8.18
C LYS A 67 -7.31 -29.81 6.77
N ASP A 68 -8.41 -29.13 6.60
CA ASP A 68 -8.92 -28.96 5.24
C ASP A 68 -8.79 -27.53 4.74
N ASN A 69 -8.57 -26.61 5.68
CA ASN A 69 -8.66 -25.18 5.37
C ASN A 69 -7.33 -24.43 5.49
N SER A 70 -6.26 -25.19 5.55
CA SER A 70 -4.95 -24.59 5.72
C SER A 70 -4.07 -24.85 4.51
N TYR A 71 -3.61 -23.75 3.91
CA TYR A 71 -2.74 -23.79 2.74
C TYR A 71 -1.52 -22.88 2.91
N VAL A 72 -0.44 -23.21 2.22
CA VAL A 72 0.77 -22.38 2.15
C VAL A 72 1.21 -22.32 0.70
N ASN A 73 1.46 -21.12 0.18
CA ASN A 73 2.03 -20.98 -1.13
C ASN A 73 3.46 -20.52 -0.98
N ILE A 74 4.35 -21.14 -1.74
CA ILE A 74 5.74 -20.70 -1.83
C ILE A 74 5.99 -20.28 -3.30
N ALA A 75 6.47 -19.07 -3.49
CA ALA A 75 6.69 -18.51 -4.83
C ALA A 75 8.10 -17.92 -4.89
N VAL A 76 8.86 -18.31 -5.91
CA VAL A 76 10.22 -17.83 -6.08
C VAL A 76 10.32 -16.87 -7.26
N TRP A 77 11.04 -15.80 -7.05
CA TRP A 77 11.22 -14.71 -8.02
C TRP A 77 12.70 -14.46 -8.17
N THR A 78 13.13 -14.04 -9.35
CA THR A 78 14.53 -13.79 -9.58
C THR A 78 15.12 -12.74 -8.67
N ASP A 79 14.34 -11.74 -8.30
CA ASP A 79 14.83 -10.65 -7.47
C ASP A 79 13.64 -9.88 -6.90
N HIS A 80 13.94 -9.05 -5.91
CA HIS A 80 12.91 -8.29 -5.18
C HIS A 80 12.14 -7.35 -6.13
N ASP A 81 12.87 -6.69 -7.03
CA ASP A 81 12.21 -5.76 -7.96
C ASP A 81 11.21 -6.49 -8.88
N ALA A 82 11.57 -7.64 -9.41
CA ALA A 82 10.64 -8.42 -10.26
C ALA A 82 9.36 -8.80 -9.52
N PHE A 83 9.51 -9.21 -8.27
CA PHE A 83 8.40 -9.51 -7.34
C PHE A 83 7.51 -8.25 -7.13
N ARG A 84 8.11 -7.12 -6.82
CA ARG A 84 7.27 -5.92 -6.62
C ARG A 84 6.61 -5.42 -7.94
N ARG A 85 7.28 -5.56 -9.08
CA ARG A 85 6.65 -5.17 -10.36
C ARG A 85 5.42 -6.04 -10.64
N ALA A 86 5.51 -7.33 -10.32
CA ALA A 86 4.38 -8.24 -10.46
C ALA A 86 3.20 -7.83 -9.57
N LEU A 87 3.50 -7.61 -8.30
CA LEU A 87 2.49 -7.20 -7.33
C LEU A 87 1.83 -5.85 -7.67
N ALA A 88 2.55 -4.97 -8.38
CA ALA A 88 2.07 -3.63 -8.73
C ALA A 88 1.19 -3.63 -9.97
N GLN A 89 1.18 -4.74 -10.68
CA GLN A 89 0.33 -4.89 -11.86
C GLN A 89 -1.13 -4.65 -11.49
N PRO A 90 -1.81 -3.75 -12.21
CA PRO A 90 -3.26 -3.58 -11.98
C PRO A 90 -4.03 -4.88 -12.18
N GLY A 91 -3.52 -5.75 -13.05
CA GLY A 91 -4.12 -7.07 -13.31
C GLY A 91 -4.13 -8.02 -12.13
N PHE A 92 -3.31 -7.74 -11.12
CA PHE A 92 -3.36 -8.53 -9.88
C PHE A 92 -4.62 -8.26 -9.05
N LEU A 93 -5.20 -7.06 -9.18
CA LEU A 93 -6.23 -6.60 -8.25
C LEU A 93 -7.43 -7.52 -8.11
N PRO A 94 -7.98 -8.03 -9.23
CA PRO A 94 -9.11 -8.95 -9.18
C PRO A 94 -8.77 -10.22 -8.40
N HIS A 95 -7.53 -10.66 -8.53
CA HIS A 95 -7.07 -11.90 -7.89
C HIS A 95 -6.88 -11.67 -6.40
N ALA A 96 -6.23 -10.57 -6.03
CA ALA A 96 -6.09 -10.18 -4.61
C ALA A 96 -7.44 -10.02 -3.91
N THR A 97 -8.37 -9.37 -4.58
CA THR A 97 -9.72 -9.17 -4.03
CA THR A 97 -9.71 -9.18 -4.03
C THR A 97 -10.42 -10.51 -3.79
N ALA A 98 -10.38 -11.39 -4.78
CA ALA A 98 -11.04 -12.72 -4.68
C ALA A 98 -10.42 -13.54 -3.56
N LEU A 99 -9.09 -13.53 -3.47
CA LEU A 99 -8.39 -14.29 -2.42
C LEU A 99 -8.76 -13.75 -1.03
N ARG A 100 -8.83 -12.43 -0.89
CA ARG A 100 -9.20 -11.79 0.38
C ARG A 100 -10.61 -12.16 0.82
N ALA A 101 -11.49 -12.34 -0.15
CA ALA A 101 -12.89 -12.71 0.12
C ALA A 101 -13.02 -14.12 0.69
N LEU A 102 -12.08 -15.00 0.34
CA LEU A 102 -12.17 -16.43 0.64
C LEU A 102 -11.24 -16.90 1.75
N SER A 103 -10.33 -16.04 2.19
CA SER A 103 -9.23 -16.51 3.03
C SER A 103 -8.62 -15.39 3.87
N THR A 104 -7.96 -15.76 4.97
CA THR A 104 -7.12 -14.87 5.76
C THR A 104 -5.65 -15.24 5.42
N SER A 105 -4.80 -14.24 5.18
CA SER A 105 -3.46 -14.47 4.73
C SER A 105 -2.45 -13.88 5.72
N GLU A 106 -1.36 -14.60 5.94
CA GLU A 106 -0.18 -14.07 6.65
C GLU A 106 0.98 -14.36 5.74
N HIS A 107 1.69 -13.34 5.31
CA HIS A 107 2.76 -13.55 4.38
C HIS A 107 4.09 -12.93 4.79
N GLY A 108 5.13 -13.38 4.11
CA GLY A 108 6.46 -12.84 4.34
C GLY A 108 7.36 -13.06 3.14
N LEU A 109 8.42 -12.25 3.06
CA LEU A 109 9.41 -12.40 2.00
C LEU A 109 10.72 -12.87 2.60
N PHE A 110 11.30 -13.86 1.95
CA PHE A 110 12.45 -14.58 2.48
C PHE A 110 13.58 -14.63 1.47
N THR A 111 14.77 -14.93 1.96
CA THR A 111 15.86 -15.36 1.08
CA THR A 111 15.93 -15.29 1.15
C THR A 111 16.31 -16.74 1.50
N ALA A 112 16.85 -17.47 0.54
CA ALA A 112 17.27 -18.84 0.77
C ALA A 112 18.68 -18.85 1.31
N ARG A 113 18.90 -19.53 2.44
CA ARG A 113 20.22 -19.60 3.03
C ARG A 113 20.89 -20.94 2.75
N GLN A 114 20.09 -22.02 2.70
CA GLN A 114 20.66 -23.32 2.36
C GLN A 114 19.68 -24.05 1.44
N THR A 115 20.22 -24.80 0.52
CA THR A 115 19.46 -25.65 -0.38
CA THR A 115 19.43 -25.67 -0.34
C THR A 115 20.23 -26.96 -0.56
N LEU A 116 19.53 -28.09 -0.49
CA LEU A 116 20.13 -29.39 -0.73
C LEU A 116 19.07 -30.28 -1.39
N PRO A 117 19.41 -30.94 -2.52
CA PRO A 117 20.69 -30.94 -3.26
C PRO A 117 21.08 -29.58 -3.85
N ALA B 21 -13.46 24.03 -9.18
CA ALA B 21 -13.73 22.92 -8.22
C ALA B 21 -13.67 21.58 -8.95
N ASP B 22 -13.35 21.62 -10.23
CA ASP B 22 -13.25 20.42 -11.03
C ASP B 22 -12.00 19.59 -10.66
N GLU B 23 -12.21 18.29 -10.53
CA GLU B 23 -11.14 17.31 -10.50
C GLU B 23 -10.22 17.55 -11.72
N VAL B 24 -8.92 17.52 -11.52
CA VAL B 24 -7.98 17.67 -12.65
C VAL B 24 -7.30 16.34 -12.93
N THR B 25 -7.11 16.06 -14.22
CA THR B 25 -6.42 14.87 -14.63
C THR B 25 -5.14 15.34 -15.38
N PHE B 26 -3.99 14.95 -14.83
CA PHE B 26 -2.69 15.29 -15.37
C PHE B 26 -2.24 14.10 -16.24
N VAL B 27 -1.82 14.37 -17.46
CA VAL B 27 -1.39 13.33 -18.39
C VAL B 27 0.06 13.65 -18.79
N ASN B 28 0.94 12.74 -18.49
CA ASN B 28 2.37 13.00 -18.63
C ASN B 28 2.96 11.86 -19.46
N ARG B 29 3.55 12.21 -20.60
CA ARG B 29 4.19 11.26 -21.46
C ARG B 29 5.67 11.25 -21.21
N PHE B 30 6.21 10.08 -20.95
CA PHE B 30 7.63 9.89 -20.67
C PHE B 30 8.27 9.06 -21.79
N THR B 31 9.48 9.46 -22.20
CA THR B 31 10.30 8.64 -23.08
C THR B 31 11.56 8.34 -22.31
N VAL B 32 11.78 7.05 -22.04
CA VAL B 32 12.81 6.62 -21.08
C VAL B 32 14.09 6.32 -21.78
N HIS B 33 15.19 6.79 -21.22
CA HIS B 33 16.51 6.57 -21.85
C HIS B 33 17.50 5.81 -21.02
N GLY B 34 17.22 5.60 -19.74
CA GLY B 34 17.89 4.50 -19.01
C GLY B 34 17.15 3.16 -19.11
N ALA B 35 17.38 2.26 -18.15
CA ALA B 35 16.69 0.98 -18.05
C ALA B 35 15.20 1.18 -17.70
N PRO B 36 14.28 0.60 -18.48
CA PRO B 36 12.86 0.78 -18.12
C PRO B 36 12.51 0.30 -16.70
N ALA B 37 13.17 -0.75 -16.22
CA ALA B 37 12.93 -1.25 -14.85
C ALA B 37 13.33 -0.20 -13.80
N GLU B 38 14.42 0.51 -14.06
CA GLU B 38 14.85 1.55 -13.16
C GLU B 38 13.85 2.71 -13.18
N PHE B 39 13.36 3.05 -14.37
CA PHE B 39 12.34 4.07 -14.49
C PHE B 39 11.09 3.67 -13.73
N GLU B 40 10.68 2.40 -13.84
CA GLU B 40 9.46 1.95 -13.15
C GLU B 40 9.61 2.05 -11.64
N SER B 41 10.78 1.72 -11.11
CA SER B 41 11.03 1.79 -9.68
C SER B 41 11.04 3.25 -9.16
N VAL B 42 11.75 4.11 -9.88
CA VAL B 42 11.76 5.55 -9.60
C VAL B 42 10.35 6.12 -9.69
N PHE B 43 9.62 5.74 -10.74
CA PHE B 43 8.25 6.17 -10.85
C PHE B 43 7.35 5.76 -9.70
N ALA B 44 7.43 4.49 -9.29
CA ALA B 44 6.65 3.96 -8.16
C ALA B 44 6.88 4.79 -6.88
N ARG B 45 8.13 5.12 -6.63
CA ARG B 45 8.50 5.94 -5.46
C ARG B 45 8.01 7.37 -5.57
N THR B 46 8.00 7.90 -6.79
CA THR B 46 7.43 9.20 -7.07
C THR B 46 5.93 9.19 -6.84
N ALA B 47 5.26 8.17 -7.36
CA ALA B 47 3.81 8.04 -7.20
C ALA B 47 3.41 7.83 -5.74
N ALA B 48 4.20 7.03 -5.03
CA ALA B 48 4.00 6.86 -3.58
C ALA B 48 4.06 8.17 -2.82
N PHE B 49 5.00 9.04 -3.20
CA PHE B 49 5.13 10.38 -2.62
C PHE B 49 3.85 11.19 -2.86
N PHE B 50 3.43 11.27 -4.12
CA PHE B 50 2.25 12.00 -4.45
C PHE B 50 1.02 11.41 -3.78
N ALA B 51 0.98 10.10 -3.68
CA ALA B 51 -0.15 9.41 -3.05
C ALA B 51 -0.34 9.76 -1.56
N ARG B 52 0.69 10.31 -0.90
CA ARG B 52 0.58 10.79 0.50
C ARG B 52 0.15 12.25 0.59
N GLN B 53 0.00 12.93 -0.55
CA GLN B 53 -0.39 14.36 -0.54
C GLN B 53 -1.90 14.56 -0.46
N PRO B 54 -2.36 15.59 0.27
CA PRO B 54 -3.77 15.91 0.24
C PRO B 54 -4.29 16.14 -1.19
N GLY B 55 -5.45 15.58 -1.50
CA GLY B 55 -6.09 15.80 -2.78
C GLY B 55 -5.70 14.81 -3.86
N PHE B 56 -4.82 13.86 -3.55
CA PHE B 56 -4.46 12.85 -4.54
C PHE B 56 -5.62 11.87 -4.66
N VAL B 57 -6.07 11.61 -5.88
CA VAL B 57 -7.21 10.70 -6.10
C VAL B 57 -6.72 9.34 -6.54
N ARG B 58 -6.05 9.30 -7.68
CA ARG B 58 -5.52 8.05 -8.22
C ARG B 58 -4.52 8.35 -9.32
N HIS B 59 -3.74 7.34 -9.69
CA HIS B 59 -3.01 7.40 -10.97
C HIS B 59 -2.95 6.03 -11.62
N THR B 60 -2.66 6.00 -12.91
CA THR B 60 -2.35 4.79 -13.64
C THR B 60 -1.22 5.06 -14.56
N LEU B 61 -0.18 4.23 -14.46
CA LEU B 61 0.99 4.34 -15.33
C LEU B 61 0.83 3.32 -16.45
N LEU B 62 0.81 3.83 -17.70
CA LEU B 62 0.66 3.00 -18.88
C LEU B 62 1.99 2.85 -19.59
N ARG B 63 2.25 1.67 -20.11
CA ARG B 63 3.38 1.49 -20.99
C ARG B 63 2.90 1.13 -22.41
N GLU B 64 3.47 1.79 -23.43
CA GLU B 64 3.10 1.52 -24.80
C GLU B 64 3.47 0.11 -25.21
N ARG B 65 2.59 -0.56 -25.94
CA ARG B 65 2.84 -1.96 -26.29
C ARG B 65 3.95 -2.20 -27.29
N ASP B 66 4.16 -1.31 -28.25
CA ASP B 66 5.13 -1.66 -29.30
C ASP B 66 6.49 -0.98 -29.13
N LYS B 67 6.68 -0.34 -27.98
CA LYS B 67 7.92 0.36 -27.67
C LYS B 67 8.29 -0.01 -26.24
N ASP B 68 9.57 -0.12 -25.96
CA ASP B 68 9.92 -0.56 -24.62
C ASP B 68 10.10 0.64 -23.65
N ASN B 69 10.10 1.87 -24.17
CA ASN B 69 10.52 2.99 -23.35
C ASN B 69 9.53 4.13 -23.33
N SER B 70 8.29 3.85 -23.75
CA SER B 70 7.26 4.89 -23.85
C SER B 70 6.15 4.66 -22.82
N TYR B 71 5.93 5.66 -21.97
CA TYR B 71 5.00 5.56 -20.87
C TYR B 71 4.12 6.80 -20.86
N VAL B 72 2.88 6.61 -20.43
CA VAL B 72 1.95 7.71 -20.16
C VAL B 72 1.41 7.50 -18.75
N ASN B 73 1.60 8.49 -17.88
CA ASN B 73 0.94 8.48 -16.57
C ASN B 73 -0.31 9.34 -16.61
N ILE B 74 -1.37 8.85 -15.99
CA ILE B 74 -2.63 9.56 -15.87
C ILE B 74 -2.87 9.70 -14.37
N ALA B 75 -2.91 10.92 -13.87
CA ALA B 75 -2.97 11.16 -12.42
C ALA B 75 -4.13 12.07 -12.13
N VAL B 76 -4.97 11.67 -11.20
CA VAL B 76 -6.16 12.44 -10.86
C VAL B 76 -5.99 13.10 -9.51
N TRP B 77 -6.34 14.39 -9.46
CA TRP B 77 -6.29 15.22 -8.24
C TRP B 77 -7.60 15.94 -7.99
N THR B 78 -7.93 16.18 -6.73
CA THR B 78 -9.23 16.75 -6.37
C THR B 78 -9.47 18.12 -7.02
N ASP B 79 -8.39 18.88 -7.20
CA ASP B 79 -8.43 20.23 -7.77
C ASP B 79 -7.00 20.62 -8.15
N HIS B 80 -6.86 21.67 -8.98
CA HIS B 80 -5.54 22.11 -9.42
C HIS B 80 -4.64 22.64 -8.28
N ASP B 81 -5.25 23.26 -7.27
CA ASP B 81 -4.49 23.78 -6.10
C ASP B 81 -3.81 22.65 -5.30
N ALA B 82 -4.53 21.56 -5.08
CA ALA B 82 -3.96 20.35 -4.45
C ALA B 82 -2.75 19.82 -5.23
N PHE B 83 -2.89 19.77 -6.55
CA PHE B 83 -1.83 19.33 -7.43
C PHE B 83 -0.61 20.26 -7.35
N ARG B 84 -0.85 21.56 -7.54
CA ARG B 84 0.21 22.58 -7.43
C ARG B 84 0.91 22.51 -6.07
N ARG B 85 0.14 22.29 -5.02
CA ARG B 85 0.70 22.17 -3.68
C ARG B 85 1.67 21.00 -3.59
N ALA B 86 1.28 19.86 -4.16
CA ALA B 86 2.10 18.64 -4.09
C ALA B 86 3.43 18.84 -4.84
N LEU B 87 3.35 19.41 -6.05
CA LEU B 87 4.54 19.73 -6.85
C LEU B 87 5.51 20.68 -6.14
N ALA B 88 4.99 21.51 -5.23
CA ALA B 88 5.79 22.48 -4.50
C ALA B 88 6.44 21.91 -3.26
N GLN B 89 6.04 20.71 -2.84
CA GLN B 89 6.60 20.09 -1.64
C GLN B 89 8.07 19.80 -1.85
N PRO B 90 8.91 20.04 -0.80
CA PRO B 90 10.34 19.79 -1.00
C PRO B 90 10.66 18.31 -1.25
N GLY B 91 9.84 17.44 -0.69
CA GLY B 91 10.01 16.01 -0.88
C GLY B 91 9.89 15.56 -2.34
N PHE B 92 9.28 16.39 -3.20
CA PHE B 92 9.24 16.10 -4.63
C PHE B 92 10.63 16.15 -5.31
N LEU B 93 11.53 17.00 -4.81
CA LEU B 93 12.78 17.27 -5.57
C LEU B 93 13.68 16.05 -5.88
N PRO B 94 13.91 15.14 -4.91
CA PRO B 94 14.72 13.96 -5.24
C PRO B 94 14.06 13.07 -6.31
N HIS B 95 12.73 13.02 -6.32
CA HIS B 95 12.01 12.23 -7.33
C HIS B 95 12.13 12.88 -8.70
N ALA B 96 11.93 14.20 -8.71
CA ALA B 96 12.07 14.98 -9.95
C ALA B 96 13.46 14.83 -10.55
N THR B 97 14.48 14.92 -9.69
CA THR B 97 15.88 14.75 -10.13
C THR B 97 16.15 13.37 -10.75
N ALA B 98 15.67 12.32 -10.08
CA ALA B 98 15.81 10.97 -10.60
C ALA B 98 15.09 10.80 -11.97
N LEU B 99 13.90 11.37 -12.10
CA LEU B 99 13.16 11.28 -13.35
C LEU B 99 13.85 12.03 -14.48
N ARG B 100 14.42 13.18 -14.16
CA ARG B 100 15.12 14.02 -15.14
C ARG B 100 16.33 13.36 -15.73
N ALA B 101 16.99 12.51 -14.95
CA ALA B 101 18.17 11.77 -15.42
C ALA B 101 17.81 10.60 -16.32
N LEU B 102 16.57 10.11 -16.18
CA LEU B 102 16.13 8.87 -16.84
C LEU B 102 15.22 9.06 -18.03
N SER B 103 14.56 10.22 -18.13
CA SER B 103 13.49 10.34 -19.12
C SER B 103 13.31 11.76 -19.63
N THR B 104 12.73 11.92 -20.83
CA THR B 104 12.18 13.16 -21.24
C THR B 104 10.69 13.07 -20.90
N SER B 105 10.03 14.20 -20.85
CA SER B 105 8.60 14.23 -20.55
C SER B 105 7.87 15.44 -21.16
N GLU B 106 6.59 15.25 -21.43
CA GLU B 106 5.70 16.26 -21.97
C GLU B 106 4.39 16.03 -21.27
N HIS B 107 3.70 17.09 -20.88
CA HIS B 107 2.45 16.90 -20.15
CA HIS B 107 2.48 16.97 -20.08
C HIS B 107 1.35 17.88 -20.52
N GLY B 108 0.15 17.53 -20.06
CA GLY B 108 -1.01 18.35 -20.23
C GLY B 108 -2.00 18.18 -19.08
N LEU B 109 -2.84 19.19 -18.90
CA LEU B 109 -3.85 19.19 -17.80
C LEU B 109 -5.24 19.10 -18.40
N PHE B 110 -6.03 18.17 -17.87
CA PHE B 110 -7.34 17.83 -18.42
C PHE B 110 -8.40 17.81 -17.34
N THR B 111 -9.64 17.74 -17.81
CA THR B 111 -10.80 17.46 -16.95
CA THR B 111 -10.86 17.53 -16.99
C THR B 111 -11.62 16.35 -17.60
N ALA B 112 -11.96 15.34 -16.79
CA ALA B 112 -12.75 14.21 -17.29
C ALA B 112 -14.19 14.62 -17.54
N ARG B 113 -14.72 14.27 -18.70
CA ARG B 113 -16.04 14.73 -19.13
C ARG B 113 -17.07 13.65 -19.35
N GLN B 114 -16.60 12.44 -19.66
CA GLN B 114 -17.47 11.27 -19.79
C GLN B 114 -16.75 10.06 -19.27
N THR B 115 -17.51 9.15 -18.67
CA THR B 115 -16.95 7.85 -18.32
C THR B 115 -18.03 6.75 -18.36
N LEU B 116 -17.62 5.56 -18.80
CA LEU B 116 -18.47 4.37 -18.74
C LEU B 116 -17.62 3.19 -18.27
N PRO B 117 -18.24 2.26 -17.54
CA PRO B 117 -19.65 2.21 -17.21
C PRO B 117 -19.96 3.15 -16.07
N GLU B 118 -21.22 3.17 -15.69
CA GLU B 118 -21.71 3.84 -14.45
C GLU B 118 -22.01 5.34 -14.62
N ASP C 20 -0.42 9.41 34.61
CA ASP C 20 0.08 10.59 35.39
C ASP C 20 -0.09 11.84 34.49
N ALA C 21 0.85 12.78 34.59
CA ALA C 21 0.92 13.94 33.70
C ALA C 21 1.92 13.68 32.56
N ASP C 22 2.43 12.45 32.47
CA ASP C 22 3.43 12.16 31.45
C ASP C 22 2.78 12.15 30.06
N GLU C 23 3.52 12.60 29.06
CA GLU C 23 3.16 12.38 27.66
CA GLU C 23 3.15 12.39 27.66
C GLU C 23 2.90 10.89 27.40
N VAL C 24 1.87 10.59 26.63
CA VAL C 24 1.57 9.20 26.35
CA VAL C 24 1.50 9.21 26.36
C VAL C 24 1.69 8.96 24.85
N THR C 25 2.22 7.81 24.53
CA THR C 25 2.32 7.36 23.14
C THR C 25 1.47 6.08 23.00
N PHE C 26 0.44 6.18 22.18
CA PHE C 26 -0.47 5.10 21.86
C PHE C 26 0.07 4.39 20.63
N VAL C 27 0.27 3.09 20.78
CA VAL C 27 0.75 2.22 19.70
C VAL C 27 -0.32 1.21 19.38
N ASN C 28 -0.83 1.24 18.16
CA ASN C 28 -1.95 0.37 17.76
C ASN C 28 -1.55 -0.44 16.51
N ARG C 29 -1.47 -1.76 16.66
CA ARG C 29 -1.06 -2.65 15.56
C ARG C 29 -2.31 -3.14 14.88
N PHE C 30 -2.35 -3.10 13.55
CA PHE C 30 -3.53 -3.47 12.80
C PHE C 30 -3.18 -4.55 11.77
N THR C 31 -4.07 -5.52 11.60
CA THR C 31 -4.07 -6.39 10.42
C THR C 31 -5.30 -5.99 9.60
N VAL C 32 -5.08 -5.61 8.36
CA VAL C 32 -6.15 -5.07 7.52
C VAL C 32 -6.73 -6.25 6.69
N HIS C 33 -8.01 -6.50 6.83
CA HIS C 33 -8.67 -7.63 6.17
C HIS C 33 -9.52 -7.21 4.99
N GLY C 34 -9.92 -5.94 4.97
CA GLY C 34 -10.56 -5.35 3.80
C GLY C 34 -9.53 -4.69 2.92
N ALA C 35 -9.96 -3.70 2.14
CA ALA C 35 -9.08 -3.04 1.17
C ALA C 35 -8.13 -2.10 1.89
N PRO C 36 -6.82 -2.29 1.71
CA PRO C 36 -5.88 -1.34 2.33
C PRO C 36 -6.15 0.11 1.93
N ALA C 37 -6.55 0.36 0.69
CA ALA C 37 -6.87 1.74 0.30
C ALA C 37 -8.02 2.35 1.15
N GLU C 38 -9.04 1.53 1.45
CA GLU C 38 -10.18 2.01 2.23
C GLU C 38 -9.70 2.27 3.68
N PHE C 39 -8.89 1.36 4.21
CA PHE C 39 -8.28 1.47 5.55
C PHE C 39 -7.52 2.76 5.68
N GLU C 40 -6.64 3.02 4.69
CA GLU C 40 -5.85 4.24 4.73
C GLU C 40 -6.73 5.49 4.69
N SER C 41 -7.81 5.47 3.92
CA SER C 41 -8.67 6.64 3.79
C SER C 41 -9.44 6.95 5.09
N VAL C 42 -9.98 5.90 5.68
CA VAL C 42 -10.60 6.00 6.99
C VAL C 42 -9.60 6.57 8.01
N PHE C 43 -8.35 6.10 7.97
CA PHE C 43 -7.33 6.54 8.92
C PHE C 43 -7.02 8.01 8.78
N ALA C 44 -6.99 8.50 7.54
CA ALA C 44 -6.73 9.91 7.34
C ALA C 44 -7.81 10.74 8.01
N ARG C 45 -9.07 10.32 7.87
CA ARG C 45 -10.16 11.07 8.49
C ARG C 45 -10.08 10.93 10.01
N THR C 46 -9.66 9.76 10.49
CA THR C 46 -9.53 9.52 11.94
C THR C 46 -8.48 10.47 12.51
N ALA C 47 -7.32 10.51 11.85
CA ALA C 47 -6.24 11.42 12.27
C ALA C 47 -6.64 12.88 12.26
N ALA C 48 -7.42 13.30 11.26
CA ALA C 48 -7.87 14.68 11.20
C ALA C 48 -8.80 14.99 12.38
N PHE C 49 -9.63 14.02 12.75
CA PHE C 49 -10.49 14.19 13.93
C PHE C 49 -9.63 14.40 15.19
N PHE C 50 -8.61 13.56 15.36
CA PHE C 50 -7.78 13.63 16.54
C PHE C 50 -7.01 14.94 16.57
N ALA C 51 -6.60 15.43 15.40
CA ALA C 51 -5.89 16.70 15.29
C ALA C 51 -6.71 17.89 15.77
N ARG C 52 -8.02 17.76 15.89
CA ARG C 52 -8.84 18.83 16.41
C ARG C 52 -9.02 18.74 17.92
N GLN C 53 -8.43 17.72 18.56
CA GLN C 53 -8.64 17.48 19.98
C GLN C 53 -7.54 18.11 20.83
N PRO C 54 -7.91 18.75 21.95
CA PRO C 54 -6.88 19.30 22.82
C PRO C 54 -5.92 18.17 23.22
N GLY C 55 -4.64 18.48 23.25
CA GLY C 55 -3.67 17.55 23.74
C GLY C 55 -3.07 16.64 22.66
N PHE C 56 -3.64 16.65 21.46
CA PHE C 56 -3.02 15.91 20.37
C PHE C 56 -1.65 16.47 20.01
N VAL C 57 -0.66 15.61 19.91
CA VAL C 57 0.71 16.04 19.58
C VAL C 57 1.10 15.65 18.16
N ARG C 58 0.99 14.37 17.86
CA ARG C 58 1.35 13.86 16.52
C ARG C 58 0.80 12.47 16.24
N HIS C 59 0.70 12.16 14.95
CA HIS C 59 0.14 10.91 14.42
C HIS C 59 1.12 10.41 13.34
N THR C 60 1.48 9.14 13.37
CA THR C 60 2.15 8.47 12.23
C THR C 60 1.48 7.13 11.96
N LEU C 61 1.12 6.88 10.70
CA LEU C 61 0.67 5.58 10.23
C LEU C 61 1.77 4.92 9.44
N LEU C 62 2.27 3.80 9.95
CA LEU C 62 3.29 3.03 9.30
C LEU C 62 2.74 1.76 8.62
N ARG C 63 3.35 1.35 7.50
CA ARG C 63 2.98 0.12 6.83
C ARG C 63 4.18 -0.79 6.74
N GLU C 64 4.02 -2.07 7.05
CA GLU C 64 5.19 -2.95 7.05
C GLU C 64 5.66 -3.17 5.61
N ARG C 65 6.95 -3.08 5.39
CA ARG C 65 7.51 -3.20 4.03
C ARG C 65 7.23 -4.58 3.46
N ASP C 66 6.78 -4.63 2.22
CA ASP C 66 6.44 -5.89 1.55
C ASP C 66 5.36 -6.74 2.25
N LYS C 67 4.50 -6.06 2.99
CA LYS C 67 3.23 -6.64 3.40
C LYS C 67 2.16 -5.64 3.03
N ASP C 68 1.03 -6.11 2.59
CA ASP C 68 0.05 -5.18 2.18
C ASP C 68 -0.81 -4.90 3.40
N ASN C 69 -0.80 -5.82 4.38
CA ASN C 69 -1.90 -5.93 5.37
C ASN C 69 -1.55 -5.61 6.81
N SER C 70 -0.30 -5.18 7.04
CA SER C 70 0.24 -4.97 8.37
C SER C 70 0.62 -3.49 8.62
N TYR C 71 -0.08 -2.85 9.55
CA TYR C 71 0.10 -1.45 9.87
C TYR C 71 0.28 -1.22 11.37
N VAL C 72 0.94 -0.09 11.71
CA VAL C 72 1.08 0.38 13.08
C VAL C 72 0.81 1.89 13.09
N ASN C 73 -0.10 2.31 13.96
CA ASN C 73 -0.34 3.72 14.23
C ASN C 73 0.39 4.11 15.51
N ILE C 74 1.12 5.21 15.48
CA ILE C 74 1.78 5.76 16.65
C ILE C 74 1.16 7.16 16.87
N ALA C 75 0.51 7.36 18.01
CA ALA C 75 -0.21 8.64 18.28
C ALA C 75 0.25 9.20 19.62
N VAL C 76 0.74 10.44 19.63
CA VAL C 76 1.27 11.05 20.84
C VAL C 76 0.27 12.08 21.37
N TRP C 77 0.07 12.02 22.69
CA TRP C 77 -0.87 12.87 23.43
C TRP C 77 -0.19 13.47 24.63
N THR C 78 -0.59 14.71 25.00
CA THR C 78 0.09 15.42 26.11
C THR C 78 -0.02 14.66 27.43
N ASP C 79 -1.12 13.91 27.60
CA ASP C 79 -1.27 13.01 28.73
C ASP C 79 -2.41 12.03 28.49
N HIS C 80 -2.53 11.06 29.41
CA HIS C 80 -3.51 9.99 29.31
C HIS C 80 -4.93 10.51 29.30
N ASP C 81 -5.20 11.48 30.15
CA ASP C 81 -6.54 12.07 30.26
C ASP C 81 -6.95 12.74 28.93
N ALA C 82 -6.07 13.50 28.30
CA ALA C 82 -6.40 14.11 26.98
C ALA C 82 -6.72 13.06 25.94
N PHE C 83 -5.96 11.97 25.95
CA PHE C 83 -6.21 10.83 25.08
C PHE C 83 -7.57 10.22 25.34
N ARG C 84 -7.84 9.92 26.60
CA ARG C 84 -9.10 9.29 26.97
C ARG C 84 -10.30 10.14 26.59
N ARG C 85 -10.18 11.45 26.76
CA ARG C 85 -11.30 12.35 26.45
C ARG C 85 -11.55 12.37 24.94
N ALA C 86 -10.48 12.28 24.14
CA ALA C 86 -10.61 12.25 22.68
C ALA C 86 -11.42 11.05 22.26
N LEU C 87 -11.09 9.90 22.85
CA LEU C 87 -11.77 8.64 22.52
C LEU C 87 -13.22 8.63 22.95
N ALA C 88 -13.57 9.49 23.90
CA ALA C 88 -14.95 9.61 24.39
C ALA C 88 -15.85 10.57 23.60
N GLN C 89 -15.29 11.36 22.69
CA GLN C 89 -16.09 12.29 21.90
C GLN C 89 -17.04 11.53 20.94
N PRO C 90 -18.27 12.03 20.78
CA PRO C 90 -19.17 11.43 19.80
C PRO C 90 -18.60 11.38 18.39
N GLY C 91 -17.80 12.38 18.02
CA GLY C 91 -17.15 12.43 16.71
C GLY C 91 -16.19 11.27 16.42
N PHE C 92 -15.71 10.59 17.47
CA PHE C 92 -14.83 9.44 17.25
C PHE C 92 -15.55 8.22 16.70
N LEU C 93 -16.86 8.13 17.00
CA LEU C 93 -17.61 6.92 16.79
C LEU C 93 -17.62 6.46 15.31
N PRO C 94 -17.87 7.36 14.35
CA PRO C 94 -17.92 6.91 12.94
C PRO C 94 -16.56 6.35 12.49
N HIS C 95 -15.49 6.93 13.03
CA HIS C 95 -14.15 6.50 12.69
C HIS C 95 -13.82 5.15 13.28
N ALA C 96 -14.13 4.98 14.57
CA ALA C 96 -13.93 3.71 15.21
C ALA C 96 -14.73 2.59 14.51
N THR C 97 -15.97 2.92 14.13
CA THR C 97 -16.88 1.97 13.49
C THR C 97 -16.32 1.49 12.14
N ALA C 98 -15.79 2.43 11.36
CA ALA C 98 -15.19 2.09 10.07
C ALA C 98 -13.92 1.25 10.23
N LEU C 99 -13.06 1.60 11.19
CA LEU C 99 -11.87 0.83 11.43
C LEU C 99 -12.21 -0.59 11.88
N ARG C 100 -13.19 -0.73 12.75
CA ARG C 100 -13.62 -2.07 13.22
C ARG C 100 -14.14 -2.98 12.09
N ALA C 101 -14.69 -2.38 11.04
CA ALA C 101 -15.19 -3.13 9.88
C ALA C 101 -14.08 -3.69 9.02
N LEU C 102 -12.91 -3.07 9.08
CA LEU C 102 -11.82 -3.29 8.13
C LEU C 102 -10.60 -3.98 8.68
N SER C 103 -10.43 -3.97 10.01
CA SER C 103 -9.19 -4.47 10.59
C SER C 103 -9.41 -5.17 11.91
N THR C 104 -8.41 -5.96 12.27
CA THR C 104 -8.21 -6.43 13.65
C THR C 104 -7.10 -5.56 14.22
N SER C 105 -7.03 -5.45 15.55
CA SER C 105 -6.04 -4.62 16.12
C SER C 105 -5.74 -4.97 17.57
N GLU C 106 -4.56 -4.56 17.98
CA GLU C 106 -3.99 -4.77 19.31
C GLU C 106 -3.27 -3.49 19.69
N HIS C 107 -3.51 -2.97 20.90
CA HIS C 107 -2.99 -1.68 21.29
C HIS C 107 -2.24 -1.74 22.60
N GLY C 108 -1.39 -0.72 22.80
CA GLY C 108 -0.77 -0.50 24.10
C GLY C 108 -0.54 0.99 24.27
N LEU C 109 -0.47 1.40 25.55
CA LEU C 109 -0.16 2.77 25.89
CA LEU C 109 -0.17 2.78 25.93
C LEU C 109 1.22 2.81 26.55
N PHE C 110 2.04 3.74 26.10
CA PHE C 110 3.45 3.85 26.45
C PHE C 110 3.86 5.26 26.88
N THR C 111 5.03 5.34 27.53
CA THR C 111 5.68 6.58 27.85
C THR C 111 7.07 6.55 27.26
N ALA C 112 7.48 7.64 26.62
CA ALA C 112 8.84 7.76 26.04
C ALA C 112 9.89 7.81 27.15
N ARG C 113 10.95 6.99 27.04
CA ARG C 113 12.02 6.89 28.04
C ARG C 113 13.34 7.47 27.57
N GLN C 114 13.65 7.29 26.30
CA GLN C 114 14.83 7.78 25.65
C GLN C 114 14.44 8.24 24.26
N THR C 115 15.13 9.29 23.83
CA THR C 115 15.01 9.79 22.48
CA THR C 115 15.02 9.78 22.47
C THR C 115 16.34 10.41 22.05
N LEU C 116 16.70 10.25 20.78
CA LEU C 116 17.80 10.98 20.16
C LEU C 116 17.29 11.51 18.82
C1 EDO D . -1.24 -14.26 -3.38
O1 EDO D . -0.37 -13.25 -2.86
C2 EDO D . -0.52 -15.55 -3.81
O2 EDO D . 0.32 -16.14 -2.78
CL CL E . 8.46 -23.32 -4.90
C1 EDO F . 10.07 14.92 -14.26
O1 EDO F . 10.81 15.98 -13.64
C2 EDO F . 9.12 15.47 -15.31
O2 EDO F . 7.87 14.78 -15.36
CL CL G . 3.43 12.14 -13.72
CL CL H . 1.40 10.17 -9.89
C1 EDO I . -7.78 4.28 16.41
O1 EDO I . -7.83 3.54 17.65
C2 EDO I . -6.43 4.96 16.22
O2 EDO I . -5.32 4.04 16.24
#